data_4I5C
#
_entry.id   4I5C
#
_cell.length_a   42.700
_cell.length_b   173.969
_cell.length_c   44.675
_cell.angle_alpha   90.00
_cell.angle_beta   94.11
_cell.angle_gamma   90.00
#
_symmetry.space_group_name_H-M   'P 1 21 1'
#
loop_
_entity.id
_entity.type
_entity.pdbx_description
1 polymer 'Tyrosine-protein kinase JAK1'
2 non-polymer 3-oxo-3-[(3R)-3-(pyrrolo[2,3-b][1,2,3]triazolo[4,5-d]pyridin-1(6H)-yl)piperidin-1-yl]propanenitrile
3 non-polymer 1,2-ETHANEDIOL
4 water water
#
_entity_poly.entity_id   1
_entity_poly.type   'polypeptide(L)'
_entity_poly.pdbx_seq_one_letter_code
;GDIVSEKKPATEVDPTHFEKRFLKRIRDLGEGHFGKVELCRYDPEGDNTGEQVAVKSLKPESGGNHIADLKKEIEILRNL
YHENIVKYKGICTEDGGNGIKLIMEFLPSGSLKEYLPKNKNKINLKQQLKYAVQICKGMDYLGSRQYVHRDLAARNVLVE
SEHQVKIGDFGLTKAIETDKE(PTR)(PTR)TVKDDRDSPVFWYAPECLMQSKFYIASDVWSFGVTLHELLTYCDSDSSP
MALFLKMIGPTHGQMTVTRLVNTLKEGKRLPCPPNCPDEVYQLMRKCWEFQPSNRTSFQNLIEGFEALLK
;
_entity_poly.pdbx_strand_id   A,B
#
loop_
_chem_comp.id
_chem_comp.type
_chem_comp.name
_chem_comp.formula
C5I non-polymer 3-oxo-3-[(3R)-3-(pyrrolo[2,3-b][1,2,3]triazolo[4,5-d]pyridin-1(6H)-yl)piperidin-1-yl]propanenitrile 'C15 H15 N7 O'
EDO non-polymer 1,2-ETHANEDIOL 'C2 H6 O2'
#
# COMPACT_ATOMS: atom_id res chain seq x y z
N VAL A 13 40.56 -31.13 13.88
CA VAL A 13 39.13 -30.78 13.95
C VAL A 13 38.88 -29.26 13.84
N ASP A 14 37.79 -28.90 13.16
CA ASP A 14 37.36 -27.51 13.00
C ASP A 14 36.23 -27.30 14.04
N PRO A 15 36.50 -26.52 15.11
CA PRO A 15 35.47 -26.29 16.13
C PRO A 15 34.28 -25.42 15.67
N THR A 16 34.37 -24.89 14.45
CA THR A 16 33.29 -24.08 13.86
C THR A 16 32.49 -24.93 12.86
N HIS A 17 32.86 -26.21 12.71
CA HIS A 17 32.08 -27.09 11.85
C HIS A 17 31.23 -27.99 12.71
N PHE A 18 29.91 -27.88 12.54
CA PHE A 18 28.91 -28.64 13.30
C PHE A 18 28.35 -29.68 12.39
N GLU A 19 28.35 -30.92 12.83
CA GLU A 19 27.81 -32.02 12.03
C GLU A 19 26.29 -32.11 12.21
N LYS A 20 25.55 -32.23 11.08
CA LYS A 20 24.08 -32.35 11.04
C LYS A 20 23.58 -33.45 11.95
N ARG A 21 24.23 -34.64 11.91
CA ARG A 21 23.84 -35.81 12.69
C ARG A 21 23.75 -35.54 14.20
N PHE A 22 24.52 -34.56 14.71
CA PHE A 22 24.52 -34.24 16.13
C PHE A 22 23.80 -32.95 16.48
N LEU A 23 23.23 -32.26 15.48
CA LEU A 23 22.56 -30.98 15.69
C LEU A 23 21.08 -31.25 15.80
N LYS A 24 20.59 -31.23 17.07
CA LYS A 24 19.22 -31.59 17.40
C LYS A 24 18.30 -30.43 17.73
N ARG A 25 17.26 -30.26 16.89
CA ARG A 25 16.22 -29.25 17.02
C ARG A 25 15.44 -29.42 18.31
N ILE A 26 15.35 -28.35 19.08
CA ILE A 26 14.55 -28.39 20.30
C ILE A 26 13.24 -27.64 20.06
N ARG A 27 13.32 -26.32 19.82
CA ARG A 27 12.14 -25.47 19.59
C ARG A 27 12.49 -24.26 18.72
N ASP A 28 11.46 -23.58 18.18
CA ASP A 28 11.61 -22.38 17.38
C ASP A 28 11.84 -21.16 18.26
N LEU A 29 12.73 -20.25 17.82
CA LEU A 29 13.05 -19.04 18.57
C LEU A 29 12.38 -17.81 17.92
N GLY A 30 12.31 -17.86 16.59
CA GLY A 30 11.68 -16.83 15.81
C GLY A 30 11.81 -17.14 14.34
N GLU A 31 11.18 -16.31 13.51
CA GLU A 31 11.27 -16.41 12.06
C GLU A 31 11.15 -15.05 11.40
N GLY A 32 11.77 -14.94 10.23
CA GLY A 32 11.65 -13.80 9.32
C GLY A 32 10.59 -14.26 8.32
N HIS A 33 10.87 -14.07 7.02
CA HIS A 33 9.97 -14.49 5.96
CA HIS A 33 9.98 -14.50 5.94
C HIS A 33 10.63 -15.62 5.16
N PHE A 34 11.99 -15.60 5.09
CA PHE A 34 12.80 -16.61 4.40
C PHE A 34 13.74 -17.37 5.34
N GLY A 35 13.93 -16.83 6.54
CA GLY A 35 14.79 -17.38 7.58
C GLY A 35 14.03 -17.77 8.82
N LYS A 36 14.67 -18.61 9.64
CA LYS A 36 14.13 -19.05 10.91
C LYS A 36 15.28 -19.36 11.86
N VAL A 37 15.09 -19.10 13.15
CA VAL A 37 16.09 -19.40 14.17
C VAL A 37 15.49 -20.41 15.13
N GLU A 38 16.21 -21.49 15.40
CA GLU A 38 15.74 -22.52 16.34
C GLU A 38 16.73 -22.74 17.42
N LEU A 39 16.24 -23.23 18.59
CA LEU A 39 17.09 -23.66 19.69
C LEU A 39 17.44 -25.13 19.41
N CYS A 40 18.75 -25.43 19.40
CA CYS A 40 19.23 -26.80 19.14
C CYS A 40 20.20 -27.18 20.21
N ARG A 41 20.47 -28.48 20.33
CA ARG A 41 21.53 -28.99 21.20
C ARG A 41 22.54 -29.68 20.29
N TYR A 42 23.79 -29.28 20.38
CA TYR A 42 24.79 -29.96 19.60
C TYR A 42 25.33 -31.03 20.54
N ASP A 43 24.91 -32.30 20.30
CA ASP A 43 25.19 -33.44 21.17
C ASP A 43 26.03 -34.58 20.54
N PRO A 44 27.36 -34.40 20.28
CA PRO A 44 28.14 -35.50 19.68
C PRO A 44 28.21 -36.79 20.53
N GLU A 45 28.08 -36.65 21.87
CA GLU A 45 28.14 -37.77 22.79
C GLU A 45 26.87 -38.62 22.85
N GLY A 46 25.73 -38.04 22.51
CA GLY A 46 24.44 -38.73 22.47
C GLY A 46 23.73 -38.88 23.81
N ASP A 47 24.21 -38.20 24.86
CA ASP A 47 23.63 -38.29 26.21
C ASP A 47 22.92 -37.02 26.70
N ASN A 48 22.61 -36.10 25.77
CA ASN A 48 21.95 -34.82 26.07
C ASN A 48 22.74 -33.95 27.06
N THR A 49 24.09 -34.01 26.99
CA THR A 49 24.96 -33.16 27.82
C THR A 49 25.61 -32.05 26.98
N GLY A 50 25.50 -32.17 25.66
CA GLY A 50 26.03 -31.21 24.68
C GLY A 50 25.49 -29.81 24.86
N GLU A 51 26.10 -28.83 24.19
CA GLU A 51 25.68 -27.43 24.35
C GLU A 51 24.43 -27.03 23.55
N GLN A 52 23.65 -26.09 24.11
CA GLN A 52 22.50 -25.48 23.45
C GLN A 52 23.08 -24.33 22.59
N VAL A 53 22.65 -24.24 21.33
CA VAL A 53 23.14 -23.27 20.36
C VAL A 53 21.92 -22.73 19.59
N ALA A 54 22.04 -21.52 18.99
CA ALA A 54 20.93 -21.00 18.19
C ALA A 54 21.31 -21.24 16.75
N VAL A 55 20.36 -21.76 15.98
CA VAL A 55 20.59 -22.14 14.59
C VAL A 55 19.70 -21.38 13.63
N LYS A 56 20.32 -20.68 12.67
CA LYS A 56 19.57 -19.97 11.64
C LYS A 56 19.63 -20.79 10.36
N SER A 57 18.46 -21.07 9.78
N SER A 57 18.45 -21.12 9.81
CA SER A 57 18.38 -21.78 8.52
CA SER A 57 18.28 -21.88 8.57
C SER A 57 17.36 -21.10 7.62
C SER A 57 17.32 -21.13 7.65
N LEU A 58 17.27 -21.54 6.36
CA LEU A 58 16.32 -21.00 5.41
C LEU A 58 15.00 -21.74 5.65
N LYS A 59 13.88 -21.12 5.29
CA LYS A 59 12.58 -21.79 5.34
C LYS A 59 12.39 -22.33 3.90
N PRO A 60 12.24 -23.67 3.70
CA PRO A 60 12.08 -24.20 2.33
C PRO A 60 10.75 -23.81 1.68
N ASN A 65 16.12 -18.35 -5.08
CA ASN A 65 16.40 -18.93 -3.77
C ASN A 65 17.25 -18.00 -2.90
N HIS A 66 17.16 -18.16 -1.56
CA HIS A 66 17.85 -17.32 -0.58
C HIS A 66 19.13 -17.89 0.07
N ILE A 67 19.76 -18.93 -0.52
CA ILE A 67 21.03 -19.48 0.02
C ILE A 67 22.12 -18.41 -0.01
N ALA A 68 22.19 -17.63 -1.09
CA ALA A 68 23.16 -16.56 -1.29
C ALA A 68 23.05 -15.50 -0.18
N ASP A 69 21.81 -15.10 0.17
CA ASP A 69 21.55 -14.15 1.25
C ASP A 69 22.04 -14.66 2.61
N LEU A 70 21.66 -15.91 2.98
CA LEU A 70 22.05 -16.52 4.23
C LEU A 70 23.57 -16.65 4.30
N LYS A 71 24.20 -17.05 3.19
CA LYS A 71 25.65 -17.20 3.10
C LYS A 71 26.38 -15.88 3.35
N LYS A 72 25.85 -14.77 2.81
CA LYS A 72 26.42 -13.42 3.01
C LYS A 72 26.24 -12.95 4.47
N GLU A 73 25.09 -13.28 5.08
CA GLU A 73 24.80 -12.96 6.49
C GLU A 73 25.83 -13.68 7.39
N ILE A 74 26.12 -14.97 7.06
CA ILE A 74 27.11 -15.82 7.74
C ILE A 74 28.49 -15.19 7.69
N GLU A 75 28.93 -14.82 6.48
CA GLU A 75 30.26 -14.24 6.28
C GLU A 75 30.37 -12.89 7.00
N ILE A 76 29.29 -12.12 7.05
CA ILE A 76 29.27 -10.86 7.81
C ILE A 76 29.39 -11.19 9.32
N LEU A 77 28.51 -12.08 9.88
CA LEU A 77 28.57 -12.35 11.32
C LEU A 77 29.88 -12.97 11.77
N ARG A 78 30.43 -13.90 10.97
CA ARG A 78 31.69 -14.61 11.24
C ARG A 78 32.86 -13.65 11.58
N ASN A 79 32.86 -12.46 10.95
CA ASN A 79 33.90 -11.46 11.08
C ASN A 79 33.63 -10.25 11.97
N LEU A 80 32.47 -10.25 12.70
CA LEU A 80 32.14 -9.20 13.65
C LEU A 80 32.51 -9.72 15.00
N TYR A 81 33.30 -8.98 15.75
CA TYR A 81 33.68 -9.34 17.11
CA TYR A 81 33.73 -9.34 17.10
C TYR A 81 33.49 -8.12 18.01
N HIS A 82 32.45 -8.16 18.84
CA HIS A 82 32.07 -7.09 19.76
C HIS A 82 31.23 -7.69 20.87
N GLU A 83 31.41 -7.20 22.10
CA GLU A 83 30.64 -7.66 23.24
C GLU A 83 29.14 -7.43 23.10
N ASN A 84 28.70 -6.48 22.23
CA ASN A 84 27.27 -6.21 22.01
C ASN A 84 26.77 -6.68 20.67
N ILE A 85 27.40 -7.74 20.16
CA ILE A 85 27.05 -8.46 18.95
C ILE A 85 27.10 -9.98 19.28
N VAL A 86 25.97 -10.65 19.04
CA VAL A 86 25.82 -12.10 19.29
C VAL A 86 26.99 -12.86 18.62
N LYS A 87 27.55 -13.81 19.38
CA LYS A 87 28.71 -14.57 18.94
C LYS A 87 28.39 -15.64 17.93
N TYR A 88 29.12 -15.58 16.82
CA TYR A 88 29.17 -16.58 15.77
C TYR A 88 29.85 -17.80 16.43
N LYS A 89 29.29 -19.01 16.27
CA LYS A 89 29.90 -20.26 16.72
C LYS A 89 30.45 -21.07 15.54
N GLY A 90 29.73 -21.08 14.43
CA GLY A 90 30.15 -21.81 13.26
C GLY A 90 29.05 -22.05 12.27
N ILE A 91 29.25 -23.08 11.43
CA ILE A 91 28.27 -23.46 10.40
C ILE A 91 27.99 -24.96 10.37
N CYS A 92 26.89 -25.30 9.73
CA CYS A 92 26.49 -26.66 9.45
C CYS A 92 26.24 -26.68 7.95
N THR A 93 27.04 -27.47 7.21
CA THR A 93 26.92 -27.55 5.74
C THR A 93 26.23 -28.83 5.30
N ASN A 98 24.63 -28.19 -0.85
CA ASN A 98 24.73 -26.76 -1.13
C ASN A 98 24.11 -25.90 -0.01
N GLY A 99 23.30 -26.53 0.84
CA GLY A 99 22.63 -25.90 1.97
C GLY A 99 23.57 -25.60 3.12
N ILE A 100 23.20 -24.62 3.96
CA ILE A 100 24.01 -24.13 5.08
C ILE A 100 23.16 -23.61 6.27
N LYS A 101 23.69 -23.77 7.49
CA LYS A 101 23.03 -23.27 8.71
C LYS A 101 24.00 -22.42 9.48
N LEU A 102 23.52 -21.33 10.06
CA LEU A 102 24.36 -20.46 10.88
C LEU A 102 24.18 -20.84 12.35
N ILE A 103 25.31 -21.12 13.04
CA ILE A 103 25.37 -21.52 14.47
C ILE A 103 25.86 -20.34 15.29
N MET A 104 25.06 -19.97 16.31
CA MET A 104 25.39 -18.85 17.17
C MET A 104 25.19 -19.29 18.59
N GLU A 105 25.72 -18.50 19.53
CA GLU A 105 25.47 -18.74 20.94
C GLU A 105 23.99 -18.48 21.17
N PHE A 106 23.45 -19.23 22.11
CA PHE A 106 22.07 -19.16 22.49
C PHE A 106 21.94 -18.28 23.72
N LEU A 107 21.02 -17.30 23.67
CA LEU A 107 20.77 -16.41 24.80
C LEU A 107 19.40 -16.73 25.35
N PRO A 108 19.32 -17.51 26.47
CA PRO A 108 18.00 -17.93 27.02
C PRO A 108 16.96 -16.87 27.29
N SER A 109 17.39 -15.62 27.59
CA SER A 109 16.42 -14.54 27.87
C SER A 109 15.73 -14.02 26.62
N GLY A 110 16.20 -14.45 25.45
CA GLY A 110 15.61 -14.07 24.18
C GLY A 110 15.81 -12.60 23.87
N SER A 111 14.89 -12.04 23.08
CA SER A 111 14.93 -10.66 22.64
C SER A 111 14.31 -9.76 23.69
N LEU A 112 14.47 -8.43 23.52
CA LEU A 112 13.87 -7.43 24.38
C LEU A 112 12.35 -7.53 24.34
N LYS A 113 11.80 -8.01 23.20
CA LYS A 113 10.36 -8.19 22.99
C LYS A 113 9.81 -9.24 23.97
N GLU A 114 10.64 -10.24 24.32
CA GLU A 114 10.26 -11.29 25.24
C GLU A 114 10.56 -10.87 26.68
N TYR A 115 11.77 -10.37 26.88
CA TYR A 115 12.34 -10.04 28.16
C TYR A 115 11.70 -8.88 28.90
N LEU A 116 11.60 -7.73 28.24
CA LEU A 116 11.07 -6.51 28.83
C LEU A 116 9.66 -6.65 29.45
N PRO A 117 8.64 -7.21 28.77
CA PRO A 117 7.32 -7.34 29.43
C PRO A 117 7.31 -8.09 30.78
N LYS A 118 8.20 -9.08 30.90
CA LYS A 118 8.36 -9.99 32.03
C LYS A 118 9.30 -9.50 33.12
N ASN A 119 10.03 -8.39 32.88
CA ASN A 119 11.06 -7.92 33.79
C ASN A 119 11.03 -6.45 34.13
N LYS A 120 9.89 -5.78 33.92
CA LYS A 120 9.67 -4.34 34.25
C LYS A 120 10.20 -3.96 35.65
N ASN A 121 10.00 -4.83 36.64
CA ASN A 121 10.42 -4.54 38.01
C ASN A 121 11.90 -4.52 38.18
N LYS A 122 12.60 -5.37 37.44
CA LYS A 122 14.04 -5.56 37.47
C LYS A 122 14.75 -4.45 36.66
N ILE A 123 14.12 -3.99 35.55
CA ILE A 123 14.68 -3.04 34.57
C ILE A 123 14.18 -1.58 34.72
N ASN A 124 14.91 -0.78 35.48
CA ASN A 124 14.57 0.63 35.70
C ASN A 124 15.17 1.53 34.57
N LEU A 125 14.90 2.85 34.60
CA LEU A 125 15.41 3.79 33.58
C LEU A 125 16.94 3.73 33.35
N LYS A 126 17.71 3.75 34.43
CA LYS A 126 19.17 3.65 34.43
C LYS A 126 19.61 2.41 33.62
N GLN A 127 18.97 1.23 33.84
CA GLN A 127 19.32 0.01 33.11
C GLN A 127 18.91 0.09 31.64
N GLN A 128 17.75 0.73 31.35
CA GLN A 128 17.29 0.95 29.97
C GLN A 128 18.29 1.91 29.27
N LEU A 129 18.84 2.91 30.00
CA LEU A 129 19.83 3.81 29.37
C LEU A 129 21.14 3.08 29.13
N LYS A 130 21.46 2.06 29.96
CA LYS A 130 22.67 1.26 29.77
C LYS A 130 22.51 0.32 28.58
N TYR A 131 21.29 -0.23 28.40
CA TYR A 131 20.96 -1.06 27.24
C TYR A 131 21.06 -0.17 26.00
N ALA A 132 20.51 1.05 26.09
CA ALA A 132 20.57 2.04 24.97
C ALA A 132 22.04 2.28 24.50
N VAL A 133 22.99 2.49 25.45
CA VAL A 133 24.45 2.68 25.22
C VAL A 133 25.01 1.44 24.48
N GLN A 134 24.70 0.26 24.99
CA GLN A 134 25.15 -1.03 24.45
C GLN A 134 24.68 -1.24 23.04
N ILE A 135 23.41 -0.88 22.73
CA ILE A 135 22.88 -0.96 21.37
C ILE A 135 23.70 -0.05 20.45
N CYS A 136 23.88 1.22 20.86
CA CYS A 136 24.67 2.24 20.14
C CYS A 136 26.12 1.82 19.89
N LYS A 137 26.80 1.19 20.87
CA LYS A 137 28.18 0.72 20.67
C LYS A 137 28.25 -0.42 19.62
N GLY A 138 27.39 -1.43 19.77
CA GLY A 138 27.31 -2.50 18.80
C GLY A 138 26.99 -1.96 17.40
N MET A 139 26.04 -1.01 17.31
CA MET A 139 25.66 -0.36 16.04
C MET A 139 26.79 0.52 15.45
N ASP A 140 27.53 1.21 16.31
CA ASP A 140 28.64 2.07 15.89
C ASP A 140 29.77 1.19 15.37
N TYR A 141 30.05 0.05 16.03
CA TYR A 141 31.04 -0.95 15.58
C TYR A 141 30.66 -1.42 14.18
N LEU A 142 29.35 -1.69 13.93
CA LEU A 142 28.81 -2.11 12.63
C LEU A 142 29.03 -1.05 11.54
N GLY A 143 28.73 0.21 11.87
CA GLY A 143 28.93 1.35 10.97
C GLY A 143 30.37 1.52 10.55
N SER A 144 31.30 1.29 11.49
CA SER A 144 32.74 1.36 11.33
C SER A 144 33.32 0.30 10.35
N ARG A 145 32.62 -0.84 10.22
CA ARG A 145 32.99 -1.93 9.32
C ARG A 145 32.26 -1.72 7.98
N GLN A 146 31.65 -0.52 7.81
CA GLN A 146 30.94 -0.04 6.63
C GLN A 146 29.69 -0.85 6.26
N TYR A 147 28.91 -1.22 7.30
CA TYR A 147 27.66 -1.93 7.13
C TYR A 147 26.47 -1.10 7.64
N VAL A 148 25.35 -1.21 6.94
CA VAL A 148 24.04 -0.68 7.31
C VAL A 148 23.26 -1.94 7.70
N HIS A 149 22.68 -1.94 8.90
CA HIS A 149 21.89 -3.05 9.46
C HIS A 149 20.52 -3.19 8.79
N ARG A 150 19.83 -2.05 8.60
CA ARG A 150 18.50 -2.02 7.95
C ARG A 150 17.33 -2.69 8.69
N ASP A 151 17.55 -3.26 9.90
CA ASP A 151 16.44 -3.97 10.59
C ASP A 151 16.50 -3.84 12.13
N LEU A 152 16.99 -2.69 12.59
CA LEU A 152 17.17 -2.42 14.01
C LEU A 152 15.80 -2.20 14.70
N ALA A 153 15.36 -3.24 15.42
CA ALA A 153 14.12 -3.30 16.18
C ALA A 153 14.42 -4.10 17.46
N ALA A 154 13.62 -3.87 18.53
CA ALA A 154 13.80 -4.55 19.82
C ALA A 154 13.72 -6.07 19.68
N ARG A 155 12.98 -6.56 18.67
CA ARG A 155 12.90 -7.99 18.38
C ARG A 155 14.28 -8.54 17.94
N ASN A 156 15.24 -7.66 17.54
CA ASN A 156 16.56 -8.15 17.08
C ASN A 156 17.67 -7.93 18.08
N VAL A 157 17.27 -7.45 19.26
CA VAL A 157 18.18 -7.15 20.35
C VAL A 157 18.01 -8.24 21.35
N LEU A 158 19.06 -9.03 21.54
CA LEU A 158 19.06 -10.14 22.49
C LEU A 158 19.52 -9.68 23.88
N VAL A 159 19.04 -10.36 24.93
CA VAL A 159 19.37 -10.08 26.34
C VAL A 159 20.35 -11.14 26.84
N GLU A 160 21.60 -10.71 27.07
CA GLU A 160 22.66 -11.59 27.57
C GLU A 160 22.48 -11.83 29.08
N SER A 161 22.07 -10.79 29.79
CA SER A 161 21.80 -10.77 31.23
C SER A 161 21.04 -9.52 31.53
N GLU A 162 20.84 -9.23 32.83
CA GLU A 162 20.18 -8.03 33.30
C GLU A 162 21.04 -6.81 32.96
N HIS A 163 22.37 -7.01 32.85
CA HIS A 163 23.37 -5.96 32.63
C HIS A 163 23.91 -5.84 31.21
N GLN A 164 23.50 -6.73 30.29
CA GLN A 164 24.01 -6.70 28.92
C GLN A 164 23.03 -7.14 27.80
N VAL A 165 23.05 -6.38 26.70
CA VAL A 165 22.27 -6.67 25.51
C VAL A 165 23.22 -6.92 24.31
N LYS A 166 22.73 -7.63 23.28
CA LYS A 166 23.46 -7.86 22.04
C LYS A 166 22.56 -7.78 20.80
N ILE A 167 23.08 -7.22 19.69
CA ILE A 167 22.37 -7.23 18.39
C ILE A 167 22.43 -8.71 17.95
N GLY A 168 21.28 -9.30 17.69
CA GLY A 168 21.20 -10.73 17.45
C GLY A 168 20.79 -11.25 16.10
N ASP A 169 20.75 -10.38 15.09
CA ASP A 169 20.34 -10.76 13.74
C ASP A 169 20.86 -9.76 12.76
N PHE A 170 21.35 -10.26 11.61
CA PHE A 170 21.98 -9.47 10.56
C PHE A 170 21.41 -9.86 9.18
N GLY A 171 20.15 -10.32 9.18
CA GLY A 171 19.44 -10.77 7.99
C GLY A 171 19.28 -9.79 6.84
N LEU A 172 19.21 -8.48 7.13
CA LEU A 172 19.07 -7.42 6.12
C LEU A 172 20.35 -6.56 5.96
N THR A 173 21.40 -6.88 6.74
CA THR A 173 22.68 -6.17 6.75
C THR A 173 23.37 -6.16 5.37
N LYS A 174 23.73 -4.94 4.91
CA LYS A 174 24.37 -4.71 3.61
C LYS A 174 25.60 -3.83 3.78
N ALA A 175 26.60 -4.06 2.94
CA ALA A 175 27.83 -3.24 2.91
C ALA A 175 27.55 -1.92 2.17
N ILE A 176 28.17 -0.82 2.62
CA ILE A 176 28.07 0.47 1.92
C ILE A 176 29.32 0.56 1.03
N GLU A 177 29.14 0.82 -0.28
CA GLU A 177 30.23 0.97 -1.24
C GLU A 177 31.13 2.21 -0.91
N THR A 178 32.42 2.18 -1.33
CA THR A 178 33.44 3.23 -1.16
C THR A 178 33.36 4.02 0.17
N LYS A 180 30.70 6.14 -1.68
CA LYS A 180 29.26 6.18 -1.47
C LYS A 180 28.86 6.25 0.03
N GLU A 181 27.69 6.83 0.32
CA GLU A 181 27.18 7.02 1.69
C GLU A 181 25.99 6.11 2.02
N PTR A 182 25.42 5.45 1.01
CA PTR A 182 24.24 4.63 1.24
C PTR A 182 24.13 3.42 0.33
O PTR A 182 24.66 3.41 -0.79
CB PTR A 182 23.08 5.61 1.02
CG PTR A 182 22.87 6.11 -0.42
CD1 PTR A 182 23.32 7.39 -0.82
CD2 PTR A 182 22.18 5.30 -1.35
CE1 PTR A 182 23.10 7.84 -2.15
CE2 PTR A 182 21.98 5.73 -2.66
CZ PTR A 182 22.45 7.00 -3.09
OH PTR A 182 22.12 7.31 -4.41
P PTR A 182 23.03 8.07 -5.41
O1P PTR A 182 23.96 7.06 -6.13
O2P PTR A 182 22.00 8.53 -6.44
O3P PTR A 182 23.84 9.22 -4.81
N PTR A 183 23.42 2.40 0.80
CA PTR A 183 23.14 1.19 0.04
C PTR A 183 21.76 1.37 -0.58
O PTR A 183 20.85 1.79 0.13
CB PTR A 183 23.15 -0.07 0.98
CG PTR A 183 22.67 -1.28 0.21
CD1 PTR A 183 21.33 -1.67 0.27
CD2 PTR A 183 23.56 -1.96 -0.63
CE1 PTR A 183 20.88 -2.76 -0.46
CE2 PTR A 183 23.11 -3.07 -1.39
CZ PTR A 183 21.75 -3.49 -1.32
OH PTR A 183 21.18 -4.59 -1.99
P PTR A 183 22.04 -5.52 -2.96
O1P PTR A 183 21.09 -6.58 -3.52
O2P PTR A 183 22.53 -4.70 -4.15
O3P PTR A 183 23.28 -6.21 -2.28
N THR A 184 21.59 1.04 -1.88
CA THR A 184 20.30 1.16 -2.56
C THR A 184 19.52 -0.14 -2.56
N VAL A 185 18.29 -0.08 -2.02
CA VAL A 185 17.35 -1.17 -1.83
C VAL A 185 16.59 -1.60 -3.11
N LYS A 186 16.63 -2.92 -3.42
CA LYS A 186 15.96 -3.55 -4.55
C LYS A 186 14.69 -4.28 -4.04
N ASP A 187 14.84 -5.25 -3.12
CA ASP A 187 13.69 -5.93 -2.53
C ASP A 187 13.28 -5.16 -1.27
N ASP A 188 12.01 -4.73 -1.20
CA ASP A 188 11.47 -3.92 -0.10
C ASP A 188 10.09 -4.37 0.40
N ARG A 189 9.57 -5.47 -0.16
CA ARG A 189 8.23 -5.97 0.15
C ARG A 189 7.91 -6.38 1.60
N ASP A 190 8.96 -6.62 2.41
CA ASP A 190 8.78 -6.97 3.82
C ASP A 190 9.55 -6.02 4.72
N SER A 191 9.64 -4.76 4.29
CA SER A 191 10.32 -3.70 5.01
C SER A 191 9.61 -3.37 6.33
N PRO A 192 10.33 -3.29 7.48
CA PRO A 192 9.68 -2.88 8.75
C PRO A 192 9.45 -1.34 8.68
N VAL A 193 8.43 -0.92 7.87
CA VAL A 193 8.13 0.48 7.54
C VAL A 193 8.04 1.45 8.71
N PHE A 194 7.53 0.98 9.84
CA PHE A 194 7.38 1.85 11.00
C PHE A 194 8.67 2.17 11.73
N TRP A 195 9.76 1.46 11.35
CA TRP A 195 11.10 1.65 11.90
C TRP A 195 11.96 2.38 10.89
N TYR A 196 11.43 2.67 9.69
CA TYR A 196 12.20 3.29 8.60
C TYR A 196 12.20 4.81 8.50
N ALA A 197 13.40 5.37 8.23
CA ALA A 197 13.61 6.79 7.98
C ALA A 197 12.95 7.22 6.64
N PRO A 198 12.66 8.55 6.46
CA PRO A 198 12.01 9.01 5.22
C PRO A 198 12.72 8.63 3.92
N GLU A 199 14.06 8.78 3.87
CA GLU A 199 14.89 8.45 2.71
C GLU A 199 14.80 6.98 2.26
N CYS A 200 14.37 6.07 3.19
CA CYS A 200 14.18 4.62 2.99
C CYS A 200 12.80 4.32 2.45
N LEU A 201 11.78 5.04 2.95
CA LEU A 201 10.39 4.85 2.54
C LEU A 201 10.10 5.51 1.19
N MET A 202 10.82 6.60 0.87
CA MET A 202 10.65 7.40 -0.34
C MET A 202 11.59 6.96 -1.47
N GLN A 203 12.92 7.19 -1.31
CA GLN A 203 13.95 6.88 -2.31
C GLN A 203 14.46 5.42 -2.33
N SER A 204 14.45 4.74 -1.16
CA SER A 204 14.95 3.36 -0.92
C SER A 204 16.49 3.35 -0.73
N LYS A 205 17.02 4.48 -0.25
CA LYS A 205 18.45 4.63 0.06
C LYS A 205 18.63 4.25 1.54
N PHE A 206 19.84 3.78 1.94
CA PHE A 206 20.10 3.38 3.31
C PHE A 206 21.49 3.78 3.81
N TYR A 207 21.52 4.82 4.66
CA TYR A 207 22.72 5.42 5.27
C TYR A 207 22.88 4.89 6.69
N ILE A 208 24.03 5.18 7.34
CA ILE A 208 24.28 4.86 8.76
C ILE A 208 23.24 5.66 9.56
N ALA A 209 23.02 6.93 9.17
CA ALA A 209 22.01 7.84 9.72
C ALA A 209 20.59 7.25 9.66
N SER A 210 20.32 6.32 8.73
CA SER A 210 19.01 5.66 8.60
C SER A 210 18.86 4.56 9.69
N ASP A 211 20.00 4.02 10.17
CA ASP A 211 20.04 3.05 11.27
C ASP A 211 19.87 3.82 12.60
N VAL A 212 20.35 5.10 12.63
CA VAL A 212 20.16 6.01 13.77
C VAL A 212 18.65 6.24 13.97
N TRP A 213 17.88 6.45 12.86
CA TRP A 213 16.43 6.60 12.89
C TRP A 213 15.75 5.36 13.50
N SER A 214 16.15 4.13 13.06
CA SER A 214 15.63 2.85 13.57
C SER A 214 16.03 2.67 15.04
N PHE A 215 17.19 3.23 15.47
CA PHE A 215 17.60 3.17 16.88
C PHE A 215 16.61 3.98 17.73
N GLY A 216 16.22 5.17 17.26
CA GLY A 216 15.24 6.03 17.92
C GLY A 216 13.95 5.27 18.17
N VAL A 217 13.49 4.52 17.16
CA VAL A 217 12.27 3.73 17.27
C VAL A 217 12.49 2.56 18.27
N THR A 218 13.70 1.89 18.23
CA THR A 218 14.07 0.80 19.14
C THR A 218 14.11 1.32 20.60
N LEU A 219 14.63 2.54 20.79
CA LEU A 219 14.73 3.22 22.08
C LEU A 219 13.33 3.48 22.61
N HIS A 220 12.38 3.79 21.71
CA HIS A 220 11.01 4.01 22.10
C HIS A 220 10.44 2.67 22.63
N GLU A 221 10.64 1.57 21.90
CA GLU A 221 10.20 0.22 22.32
C GLU A 221 10.78 -0.17 23.68
N LEU A 222 12.10 0.04 23.85
CA LEU A 222 12.83 -0.24 25.09
C LEU A 222 12.17 0.49 26.29
N LEU A 223 11.96 1.82 26.15
CA LEU A 223 11.34 2.65 27.18
C LEU A 223 9.90 2.27 27.53
N THR A 224 9.14 1.69 26.55
CA THR A 224 7.75 1.24 26.74
C THR A 224 7.71 -0.26 27.08
N TYR A 225 8.90 -0.84 27.37
CA TYR A 225 9.06 -2.25 27.73
C TYR A 225 8.46 -3.19 26.71
N CYS A 226 8.53 -2.84 25.41
CA CYS A 226 7.99 -3.67 24.33
C CYS A 226 6.51 -4.06 24.49
N ASP A 227 5.69 -3.20 25.10
CA ASP A 227 4.28 -3.57 25.22
C ASP A 227 3.60 -3.47 23.88
N SER A 228 2.87 -4.55 23.52
CA SER A 228 2.17 -4.65 22.24
C SER A 228 1.32 -3.43 21.91
N ASP A 229 0.59 -2.88 22.91
CA ASP A 229 -0.29 -1.71 22.73
C ASP A 229 0.43 -0.40 22.49
N SER A 230 1.71 -0.33 22.86
CA SER A 230 2.53 0.87 22.66
C SER A 230 3.53 0.68 21.49
N SER A 231 3.41 -0.44 20.73
CA SER A 231 4.31 -0.75 19.62
C SER A 231 4.34 0.36 18.59
N PRO A 232 5.52 0.65 17.99
CA PRO A 232 5.60 1.74 17.00
C PRO A 232 4.61 1.61 15.85
N MET A 233 4.16 0.38 15.53
CA MET A 233 3.17 0.09 14.49
C MET A 233 1.78 0.44 15.01
N ALA A 234 1.37 -0.11 16.19
CA ALA A 234 0.04 0.16 16.81
C ALA A 234 -0.18 1.66 16.97
N LEU A 235 0.85 2.35 17.47
CA LEU A 235 0.84 3.80 17.65
C LEU A 235 0.73 4.52 16.33
N PHE A 236 1.63 4.24 15.34
CA PHE A 236 1.57 4.88 14.02
C PHE A 236 0.24 4.58 13.30
N LEU A 237 -0.34 3.38 13.47
CA LEU A 237 -1.63 3.02 12.86
C LEU A 237 -2.81 3.80 13.47
N LYS A 238 -2.63 4.40 14.68
CA LYS A 238 -3.61 5.27 15.36
C LYS A 238 -3.45 6.68 14.78
N MET A 239 -2.19 7.13 14.59
CA MET A 239 -1.86 8.44 14.02
C MET A 239 -2.30 8.59 12.55
N ILE A 240 -2.60 7.47 11.85
CA ILE A 240 -2.97 7.48 10.42
C ILE A 240 -4.25 6.70 10.05
N GLY A 241 -4.50 5.58 10.71
CA GLY A 241 -5.64 4.71 10.47
C GLY A 241 -5.20 3.29 10.09
N PRO A 242 -5.83 2.23 10.65
CA PRO A 242 -5.39 0.86 10.31
C PRO A 242 -6.04 0.24 9.07
N THR A 243 -6.99 0.95 8.43
CA THR A 243 -7.81 0.48 7.30
C THR A 243 -7.44 1.10 5.93
N HIS A 244 -6.15 1.46 5.72
CA HIS A 244 -5.69 2.11 4.47
C HIS A 244 -4.96 1.24 3.45
N GLY A 245 -4.85 -0.05 3.79
CA GLY A 245 -4.21 -1.11 3.00
C GLY A 245 -2.92 -0.70 2.33
N GLN A 246 -2.97 -0.58 0.98
CA GLN A 246 -1.87 -0.19 0.09
C GLN A 246 -1.37 1.23 0.32
N MET A 247 -2.23 2.14 0.83
CA MET A 247 -1.87 3.55 1.05
C MET A 247 -1.14 3.82 2.38
N THR A 248 -1.03 2.82 3.28
CA THR A 248 -0.35 2.98 4.59
C THR A 248 0.97 3.77 4.53
N VAL A 249 1.95 3.30 3.72
CA VAL A 249 3.27 3.93 3.58
C VAL A 249 3.23 5.38 3.12
N THR A 250 2.43 5.67 2.08
CA THR A 250 2.32 7.04 1.54
C THR A 250 1.71 7.99 2.60
N ARG A 251 0.69 7.50 3.34
CA ARG A 251 0.04 8.19 4.47
C ARG A 251 1.07 8.39 5.60
N LEU A 252 1.93 7.35 5.87
CA LEU A 252 3.03 7.40 6.86
C LEU A 252 4.11 8.44 6.44
N VAL A 253 4.43 8.51 5.12
CA VAL A 253 5.39 9.46 4.56
C VAL A 253 4.95 10.92 4.78
N ASN A 254 3.64 11.17 4.68
CA ASN A 254 3.05 12.50 4.90
C ASN A 254 3.20 12.95 6.34
N THR A 255 2.85 12.06 7.31
CA THR A 255 2.98 12.28 8.75
C THR A 255 4.37 12.85 9.08
N LEU A 256 5.45 12.12 8.66
CA LEU A 256 6.85 12.50 8.90
C LEU A 256 7.21 13.79 8.18
N LYS A 257 6.63 13.99 6.97
CA LYS A 257 6.83 15.20 6.15
C LYS A 257 6.28 16.41 6.92
N GLU A 258 5.06 16.26 7.49
CA GLU A 258 4.40 17.29 8.31
C GLU A 258 5.31 17.65 9.51
N GLY A 259 5.75 16.62 10.24
CA GLY A 259 6.66 16.76 11.37
C GLY A 259 6.26 15.98 12.59
N LYS A 260 5.22 15.13 12.45
CA LYS A 260 4.70 14.29 13.54
C LYS A 260 5.61 13.10 13.82
N ARG A 261 5.89 12.86 15.11
CA ARG A 261 6.75 11.77 15.60
C ARG A 261 6.01 10.94 16.61
N LEU A 262 6.58 9.79 17.01
CA LEU A 262 5.99 8.94 18.04
C LEU A 262 5.99 9.73 19.36
N PRO A 263 4.96 9.58 20.24
CA PRO A 263 4.94 10.41 21.46
C PRO A 263 6.01 10.03 22.48
N CYS A 264 6.22 10.89 23.49
CA CYS A 264 7.14 10.62 24.58
C CYS A 264 6.58 9.44 25.35
N PRO A 265 7.40 8.39 25.55
CA PRO A 265 6.92 7.22 26.32
C PRO A 265 6.52 7.63 27.73
N PRO A 266 5.59 6.87 28.41
CA PRO A 266 5.25 7.21 29.80
C PRO A 266 6.50 7.17 30.67
N ASN A 267 6.57 8.08 31.67
CA ASN A 267 7.69 8.19 32.62
C ASN A 267 9.08 8.45 32.00
N CYS A 268 9.12 8.80 30.70
CA CYS A 268 10.39 9.06 30.04
C CYS A 268 10.83 10.50 30.26
N PRO A 269 12.02 10.75 30.86
CA PRO A 269 12.47 12.15 31.08
C PRO A 269 12.66 12.92 29.78
N ASP A 270 12.32 14.23 29.78
CA ASP A 270 12.49 15.08 28.59
C ASP A 270 13.89 15.03 27.99
N GLU A 271 14.93 15.00 28.84
CA GLU A 271 16.34 14.90 28.41
C GLU A 271 16.54 13.64 27.55
N VAL A 272 15.86 12.51 27.90
CA VAL A 272 15.91 11.23 27.18
C VAL A 272 15.15 11.36 25.85
N TYR A 273 13.92 11.90 25.89
CA TYR A 273 13.06 12.13 24.72
C TYR A 273 13.67 13.08 23.69
N GLN A 274 14.52 14.03 24.13
CA GLN A 274 15.23 14.92 23.22
C GLN A 274 16.33 14.17 22.47
N LEU A 275 17.06 13.25 23.14
CA LEU A 275 18.10 12.43 22.50
C LEU A 275 17.48 11.55 21.42
N MET A 276 16.25 11.06 21.68
CA MET A 276 15.41 10.27 20.79
C MET A 276 14.97 11.11 19.57
N ARG A 277 14.48 12.35 19.78
CA ARG A 277 14.04 13.27 18.71
C ARG A 277 15.20 13.61 17.76
N LYS A 278 16.43 13.66 18.27
CA LYS A 278 17.62 13.91 17.44
C LYS A 278 17.90 12.74 16.45
N CYS A 279 17.25 11.55 16.65
CA CYS A 279 17.34 10.34 15.82
C CYS A 279 16.33 10.50 14.69
N TRP A 280 15.30 11.33 14.94
CA TRP A 280 14.18 11.52 14.04
C TRP A 280 14.14 12.82 13.18
N GLU A 281 15.31 13.44 12.95
CA GLU A 281 15.38 14.59 12.05
C GLU A 281 15.05 14.10 10.65
N PHE A 282 14.12 14.79 9.93
CA PHE A 282 13.66 14.40 8.59
C PHE A 282 14.82 14.13 7.62
N GLN A 283 15.88 14.95 7.70
CA GLN A 283 17.07 14.88 6.87
C GLN A 283 18.17 14.04 7.53
N PRO A 284 18.68 12.98 6.86
CA PRO A 284 19.76 12.16 7.46
C PRO A 284 21.01 12.89 7.91
N SER A 285 21.48 13.89 7.14
CA SER A 285 22.70 14.64 7.47
C SER A 285 22.59 15.50 8.74
N ASN A 286 21.34 15.85 9.12
CA ASN A 286 20.99 16.64 10.30
C ASN A 286 20.66 15.77 11.53
N ARG A 287 20.91 14.44 11.43
CA ARG A 287 20.67 13.47 12.49
C ARG A 287 21.87 13.28 13.37
N THR A 288 21.62 12.91 14.64
CA THR A 288 22.66 12.63 15.61
C THR A 288 23.44 11.38 15.17
N SER A 289 24.59 11.14 15.78
CA SER A 289 25.40 9.98 15.45
C SER A 289 25.24 8.96 16.58
N PHE A 290 25.84 7.77 16.44
CA PHE A 290 25.80 6.78 17.53
C PHE A 290 26.70 7.26 18.65
N GLN A 291 27.86 7.85 18.31
CA GLN A 291 28.81 8.41 19.29
C GLN A 291 28.19 9.55 20.15
N ASN A 292 27.37 10.41 19.54
CA ASN A 292 26.71 11.50 20.25
C ASN A 292 25.67 10.97 21.23
N LEU A 293 24.89 9.95 20.81
CA LEU A 293 23.90 9.28 21.65
C LEU A 293 24.57 8.66 22.85
N ILE A 294 25.72 7.98 22.65
CA ILE A 294 26.54 7.37 23.70
C ILE A 294 26.89 8.44 24.72
N GLU A 295 27.58 9.53 24.30
CA GLU A 295 27.96 10.65 25.19
C GLU A 295 26.76 11.20 25.94
N GLY A 296 25.67 11.48 25.22
CA GLY A 296 24.40 11.96 25.76
C GLY A 296 23.80 11.03 26.80
N PHE A 297 23.79 9.69 26.53
CA PHE A 297 23.29 8.69 27.51
C PHE A 297 24.22 8.60 28.71
N GLU A 298 25.54 8.56 28.46
CA GLU A 298 26.56 8.48 29.51
C GLU A 298 26.55 9.67 30.49
N ALA A 299 26.14 10.87 30.00
CA ALA A 299 26.08 12.07 30.83
C ALA A 299 24.91 11.99 31.81
N LEU A 300 23.78 11.41 31.35
CA LEU A 300 22.57 11.21 32.13
C LEU A 300 22.76 10.17 33.24
N LEU A 301 23.65 9.19 32.98
CA LEU A 301 23.94 8.10 33.90
C LEU A 301 24.88 8.51 35.03
N LYS A 302 25.67 9.58 34.84
CA LYS A 302 26.61 10.13 35.82
C LYS A 302 25.89 10.96 36.87
N GLY B 1 -71.01 0.11 15.73
CA GLY B 1 -71.46 -0.44 14.45
C GLY B 1 -70.44 -1.36 13.78
N ASP B 2 -70.36 -1.27 12.45
CA ASP B 2 -69.46 -2.05 11.59
C ASP B 2 -67.98 -1.66 11.77
N ILE B 3 -67.06 -2.58 11.42
CA ILE B 3 -65.62 -2.32 11.52
C ILE B 3 -65.30 -1.12 10.63
N VAL B 4 -64.62 -0.12 11.18
CA VAL B 4 -64.27 1.06 10.38
C VAL B 4 -62.95 0.79 9.66
N SER B 5 -62.92 1.03 8.35
CA SER B 5 -61.70 0.82 7.57
C SER B 5 -61.23 2.15 6.93
N GLU B 6 -59.97 2.17 6.45
CA GLU B 6 -59.41 3.34 5.80
C GLU B 6 -59.90 3.39 4.35
N LYS B 7 -60.36 4.56 3.92
CA LYS B 7 -60.78 4.82 2.56
C LYS B 7 -59.50 4.72 1.75
N LYS B 8 -59.47 3.83 0.76
CA LYS B 8 -58.27 3.68 -0.06
C LYS B 8 -58.13 4.85 -1.05
N PRO B 9 -57.04 5.65 -0.93
CA PRO B 9 -56.87 6.77 -1.86
C PRO B 9 -56.48 6.26 -3.25
N ALA B 10 -56.79 7.05 -4.29
CA ALA B 10 -56.48 6.70 -5.68
C ALA B 10 -54.97 6.55 -5.87
N THR B 11 -54.53 5.30 -6.12
CA THR B 11 -53.12 4.97 -6.29
C THR B 11 -52.55 5.55 -7.59
N GLU B 12 -51.29 5.98 -7.52
CA GLU B 12 -50.51 6.47 -8.65
C GLU B 12 -49.37 5.47 -8.84
N VAL B 13 -49.07 5.13 -10.08
CA VAL B 13 -47.99 4.21 -10.37
C VAL B 13 -46.73 5.02 -10.53
N ASP B 14 -45.67 4.64 -9.81
CA ASP B 14 -44.40 5.32 -9.94
C ASP B 14 -43.55 4.48 -10.91
N PRO B 15 -43.26 4.99 -12.14
CA PRO B 15 -42.46 4.20 -13.12
C PRO B 15 -41.00 3.99 -12.72
N THR B 16 -40.56 4.73 -11.70
CA THR B 16 -39.19 4.63 -11.19
C THR B 16 -39.12 3.68 -9.99
N HIS B 17 -40.24 3.03 -9.63
CA HIS B 17 -40.26 2.08 -8.53
C HIS B 17 -40.42 0.68 -9.08
N PHE B 18 -39.43 -0.17 -8.84
CA PHE B 18 -39.39 -1.54 -9.33
C PHE B 18 -39.64 -2.49 -8.16
N GLU B 19 -40.66 -3.35 -8.32
CA GLU B 19 -41.04 -4.32 -7.29
C GLU B 19 -40.01 -5.45 -7.21
N LYS B 20 -39.55 -5.75 -5.99
CA LYS B 20 -38.57 -6.82 -5.78
C LYS B 20 -39.02 -8.13 -6.40
N ARG B 21 -40.31 -8.49 -6.20
CA ARG B 21 -40.92 -9.73 -6.68
C ARG B 21 -40.88 -9.97 -8.20
N PHE B 22 -40.71 -8.90 -9.01
CA PHE B 22 -40.66 -9.02 -10.48
C PHE B 22 -39.27 -8.80 -11.06
N LEU B 23 -38.31 -8.44 -10.20
CA LEU B 23 -36.93 -8.17 -10.61
C LEU B 23 -36.13 -9.46 -10.57
N LYS B 24 -35.99 -10.13 -11.73
CA LYS B 24 -35.37 -11.44 -11.85
C LYS B 24 -33.96 -11.46 -12.47
N ARG B 25 -32.99 -11.90 -11.68
CA ARG B 25 -31.57 -12.05 -12.04
C ARG B 25 -31.34 -12.95 -13.27
N ILE B 26 -30.40 -12.55 -14.15
CA ILE B 26 -30.01 -13.31 -15.34
C ILE B 26 -28.54 -13.73 -15.21
N ARG B 27 -27.66 -12.78 -14.82
CA ARG B 27 -26.22 -12.95 -14.62
C ARG B 27 -25.58 -11.66 -14.12
N ASP B 28 -24.36 -11.80 -13.58
CA ASP B 28 -23.51 -10.71 -13.10
C ASP B 28 -22.85 -10.03 -14.31
N LEU B 29 -22.68 -8.69 -14.22
CA LEU B 29 -22.03 -7.88 -15.25
C LEU B 29 -20.66 -7.38 -14.74
N GLY B 30 -20.57 -7.19 -13.42
CA GLY B 30 -19.36 -6.75 -12.76
C GLY B 30 -19.53 -6.51 -11.27
N GLU B 31 -18.43 -6.09 -10.63
N GLU B 31 -18.42 -6.19 -10.59
CA GLU B 31 -18.32 -5.70 -9.23
CA GLU B 31 -18.42 -5.94 -9.16
C GLU B 31 -17.30 -4.57 -9.09
C GLU B 31 -17.30 -5.00 -8.70
N GLY B 32 -17.53 -3.68 -8.12
N GLY B 32 -17.52 -4.43 -7.52
CA GLY B 32 -16.68 -2.53 -7.84
CA GLY B 32 -16.56 -3.60 -6.79
C GLY B 32 -16.23 -2.50 -6.40
C GLY B 32 -16.22 -4.34 -5.51
N HIS B 33 -16.68 -1.48 -5.65
N HIS B 33 -15.71 -3.65 -4.49
CA HIS B 33 -16.33 -1.34 -4.23
CA HIS B 33 -15.41 -4.32 -3.23
C HIS B 33 -17.55 -1.52 -3.36
C HIS B 33 -16.66 -4.46 -2.37
N PHE B 34 -17.63 -2.68 -2.68
N PHE B 34 -17.57 -3.48 -2.50
CA PHE B 34 -18.74 -3.12 -1.81
CA PHE B 34 -18.83 -3.43 -1.74
C PHE B 34 -20.08 -3.16 -2.58
C PHE B 34 -20.11 -3.43 -2.60
N GLY B 35 -19.98 -3.19 -3.91
CA GLY B 35 -21.11 -3.21 -4.83
C GLY B 35 -20.96 -4.23 -5.94
N LYS B 36 -22.05 -4.44 -6.67
CA LYS B 36 -22.09 -5.34 -7.83
C LYS B 36 -23.23 -4.95 -8.78
N VAL B 37 -23.04 -5.23 -10.08
CA VAL B 37 -24.04 -4.98 -11.11
C VAL B 37 -24.49 -6.30 -11.71
N GLU B 38 -25.82 -6.48 -11.83
CA GLU B 38 -26.40 -7.68 -12.43
C GLU B 38 -27.36 -7.34 -13.58
N LEU B 39 -27.40 -8.23 -14.58
CA LEU B 39 -28.37 -8.17 -15.64
C LEU B 39 -29.63 -8.86 -15.09
N CYS B 40 -30.76 -8.14 -15.12
CA CYS B 40 -32.04 -8.66 -14.67
C CYS B 40 -33.03 -8.41 -15.73
N ARG B 41 -34.16 -9.09 -15.62
CA ARG B 41 -35.30 -8.82 -16.45
C ARG B 41 -36.40 -8.40 -15.48
N TYR B 42 -36.90 -7.16 -15.58
CA TYR B 42 -38.02 -6.72 -14.77
C TYR B 42 -39.24 -7.28 -15.48
N ASP B 43 -39.80 -8.38 -14.95
CA ASP B 43 -40.84 -9.15 -15.61
C ASP B 43 -42.19 -9.24 -14.87
N PRO B 44 -42.96 -8.13 -14.74
CA PRO B 44 -44.26 -8.20 -14.03
C PRO B 44 -45.34 -9.11 -14.62
N GLU B 45 -45.17 -9.56 -15.87
CA GLU B 45 -46.12 -10.46 -16.53
C GLU B 45 -45.71 -11.93 -16.42
N GLY B 46 -44.51 -12.17 -15.88
CA GLY B 46 -43.92 -13.49 -15.63
C GLY B 46 -43.85 -14.43 -16.81
N ASP B 47 -43.76 -13.90 -18.03
CA ASP B 47 -43.71 -14.67 -19.27
C ASP B 47 -42.38 -14.48 -20.06
N ASN B 48 -41.35 -13.90 -19.42
CA ASN B 48 -40.05 -13.62 -20.03
C ASN B 48 -40.13 -12.57 -21.19
N THR B 49 -40.93 -11.50 -21.01
CA THR B 49 -41.03 -10.45 -22.04
C THR B 49 -40.62 -9.07 -21.51
N GLY B 50 -40.38 -9.00 -20.22
CA GLY B 50 -40.01 -7.76 -19.53
C GLY B 50 -38.73 -7.16 -20.05
N GLU B 51 -38.55 -5.87 -19.78
CA GLU B 51 -37.34 -5.18 -20.20
C GLU B 51 -36.16 -5.61 -19.34
N GLN B 52 -35.02 -5.79 -20.00
CA GLN B 52 -33.77 -6.12 -19.36
C GLN B 52 -33.20 -4.81 -18.80
N VAL B 53 -32.77 -4.84 -17.53
CA VAL B 53 -32.23 -3.70 -16.80
C VAL B 53 -30.94 -4.13 -16.10
N ALA B 54 -30.03 -3.16 -15.86
CA ALA B 54 -28.82 -3.33 -15.06
C ALA B 54 -29.14 -2.89 -13.63
N VAL B 55 -28.89 -3.80 -12.68
CA VAL B 55 -29.19 -3.59 -11.28
C VAL B 55 -27.93 -3.48 -10.44
N LYS B 56 -27.73 -2.32 -9.80
CA LYS B 56 -26.60 -2.13 -8.89
C LYS B 56 -27.05 -2.32 -7.45
N SER B 57 -26.37 -3.22 -6.72
CA SER B 57 -26.71 -3.53 -5.33
C SER B 57 -25.48 -3.75 -4.49
N LEU B 58 -25.65 -3.68 -3.16
CA LEU B 58 -24.55 -3.90 -2.23
C LEU B 58 -24.24 -5.38 -2.09
N LYS B 59 -22.96 -5.69 -2.01
CA LYS B 59 -22.48 -7.06 -1.80
C LYS B 59 -22.49 -7.27 -0.26
N PRO B 60 -22.85 -8.49 0.23
CA PRO B 60 -22.86 -8.70 1.70
C PRO B 60 -21.46 -8.83 2.30
N HIS B 66 -22.42 0.20 4.10
CA HIS B 66 -22.17 0.89 2.83
C HIS B 66 -23.45 1.36 2.10
N ILE B 67 -24.61 1.14 2.74
CA ILE B 67 -25.94 1.52 2.26
C ILE B 67 -25.98 3.02 2.02
N ALA B 68 -25.37 3.81 2.91
CA ALA B 68 -25.32 5.27 2.77
C ALA B 68 -24.72 5.67 1.42
N ASP B 69 -23.53 5.15 1.09
CA ASP B 69 -22.81 5.38 -0.16
C ASP B 69 -23.63 5.00 -1.40
N LEU B 70 -24.28 3.83 -1.39
CA LEU B 70 -25.13 3.42 -2.51
C LEU B 70 -26.28 4.41 -2.74
N LYS B 71 -26.93 4.89 -1.66
CA LYS B 71 -28.01 5.88 -1.72
C LYS B 71 -27.53 7.21 -2.27
N LYS B 72 -26.32 7.66 -1.90
CA LYS B 72 -25.77 8.93 -2.39
C LYS B 72 -25.45 8.80 -3.90
N GLU B 73 -24.90 7.64 -4.29
CA GLU B 73 -24.57 7.30 -5.67
C GLU B 73 -25.85 7.32 -6.53
N ILE B 74 -26.97 6.78 -5.98
CA ILE B 74 -28.30 6.79 -6.61
C ILE B 74 -28.76 8.23 -6.85
N GLU B 75 -28.76 9.10 -5.81
CA GLU B 75 -29.14 10.51 -5.95
C GLU B 75 -28.29 11.24 -6.97
N ILE B 76 -26.98 10.93 -7.05
CA ILE B 76 -26.07 11.54 -8.04
C ILE B 76 -26.58 11.22 -9.45
N LEU B 77 -26.77 9.92 -9.75
CA LEU B 77 -27.16 9.45 -11.08
C LEU B 77 -28.58 9.90 -11.43
N ARG B 78 -29.53 9.85 -10.46
CA ARG B 78 -30.91 10.27 -10.65
C ARG B 78 -30.98 11.67 -11.26
N ASN B 79 -30.05 12.54 -10.88
CA ASN B 79 -30.01 13.92 -11.37
C ASN B 79 -28.99 14.21 -12.47
N LEU B 80 -28.34 13.17 -13.06
CA LEU B 80 -27.46 13.42 -14.21
C LEU B 80 -28.27 13.17 -15.46
N TYR B 81 -28.21 14.11 -16.45
CA TYR B 81 -28.93 14.01 -17.73
CA TYR B 81 -28.95 14.01 -17.73
C TYR B 81 -28.01 14.41 -18.88
N HIS B 82 -27.39 13.42 -19.51
CA HIS B 82 -26.47 13.67 -20.62
C HIS B 82 -26.46 12.44 -21.51
N GLU B 83 -26.30 12.61 -22.83
CA GLU B 83 -26.25 11.46 -23.75
C GLU B 83 -25.07 10.52 -23.48
N ASN B 84 -24.01 11.02 -22.85
CA ASN B 84 -22.84 10.21 -22.54
C ASN B 84 -22.76 9.81 -21.09
N ILE B 85 -23.92 9.77 -20.43
CA ILE B 85 -24.06 9.30 -19.05
C ILE B 85 -25.20 8.27 -19.07
N VAL B 86 -24.93 7.08 -18.51
CA VAL B 86 -25.89 5.96 -18.43
C VAL B 86 -27.19 6.44 -17.78
N LYS B 87 -28.34 5.94 -18.26
CA LYS B 87 -29.63 6.37 -17.76
C LYS B 87 -30.09 5.66 -16.53
N TYR B 88 -30.49 6.46 -15.56
CA TYR B 88 -31.13 6.05 -14.31
C TYR B 88 -32.52 5.65 -14.74
N LYS B 89 -33.00 4.49 -14.27
CA LYS B 89 -34.36 4.01 -14.52
C LYS B 89 -35.20 4.07 -13.22
N GLY B 90 -34.56 3.82 -12.07
CA GLY B 90 -35.24 3.84 -10.79
C GLY B 90 -34.56 3.09 -9.66
N ILE B 91 -35.36 2.68 -8.67
CA ILE B 91 -34.88 1.96 -7.48
C ILE B 91 -35.81 0.80 -7.10
N CYS B 92 -35.25 -0.16 -6.36
CA CYS B 92 -36.00 -1.27 -5.77
C CYS B 92 -35.75 -1.15 -4.27
N THR B 93 -36.81 -0.99 -3.47
CA THR B 93 -36.66 -0.82 -2.00
C THR B 93 -37.40 -1.88 -1.20
N GLU B 94 -36.83 -2.26 -0.03
CA GLU B 94 -37.38 -3.22 0.94
C GLU B 94 -36.68 -3.05 2.30
N GLY B 99 -32.64 -0.88 2.99
CA GLY B 99 -32.23 -1.66 1.83
C GLY B 99 -32.63 -1.01 0.52
N ILE B 100 -31.73 -1.02 -0.49
CA ILE B 100 -31.94 -0.38 -1.81
C ILE B 100 -31.12 -1.00 -2.96
N LYS B 101 -31.69 -1.03 -4.18
CA LYS B 101 -31.03 -1.48 -5.42
C LYS B 101 -31.23 -0.41 -6.49
N LEU B 102 -30.16 -0.07 -7.25
CA LEU B 102 -30.17 0.94 -8.31
C LEU B 102 -30.50 0.31 -9.67
N ILE B 103 -31.58 0.81 -10.32
CA ILE B 103 -32.06 0.32 -11.63
C ILE B 103 -31.61 1.31 -12.72
N MET B 104 -30.88 0.77 -13.70
CA MET B 104 -30.31 1.53 -14.80
C MET B 104 -30.63 0.84 -16.11
N GLU B 105 -30.50 1.59 -17.22
CA GLU B 105 -30.64 1.01 -18.56
C GLU B 105 -29.49 0.03 -18.77
N PHE B 106 -29.77 -1.06 -19.47
CA PHE B 106 -28.80 -2.11 -19.73
C PHE B 106 -28.19 -1.90 -21.10
N LEU B 107 -26.87 -2.00 -21.18
CA LEU B 107 -26.18 -1.84 -22.46
C LEU B 107 -25.55 -3.18 -22.84
N PRO B 108 -26.23 -3.92 -23.75
CA PRO B 108 -25.75 -5.27 -24.12
C PRO B 108 -24.29 -5.43 -24.54
N SER B 109 -23.65 -4.39 -25.13
CA SER B 109 -22.22 -4.47 -25.51
C SER B 109 -21.28 -4.38 -24.32
N GLY B 110 -21.81 -3.96 -23.16
CA GLY B 110 -21.02 -3.88 -21.94
C GLY B 110 -20.03 -2.75 -21.98
N SER B 111 -18.96 -2.89 -21.19
CA SER B 111 -17.91 -1.90 -21.08
C SER B 111 -16.87 -2.04 -22.21
N LEU B 112 -16.04 -1.00 -22.38
CA LEU B 112 -14.95 -0.98 -23.34
C LEU B 112 -14.01 -2.16 -23.16
N LYS B 113 -13.82 -2.60 -21.91
CA LYS B 113 -13.03 -3.78 -21.57
C LYS B 113 -13.51 -5.07 -22.21
N GLU B 114 -14.81 -5.21 -22.34
CA GLU B 114 -15.41 -6.39 -22.97
C GLU B 114 -15.51 -6.15 -24.47
N TYR B 115 -15.90 -4.93 -24.83
CA TYR B 115 -16.19 -4.56 -26.20
C TYR B 115 -15.00 -4.44 -27.17
N LEU B 116 -13.98 -3.64 -26.82
CA LEU B 116 -12.81 -3.34 -27.65
C LEU B 116 -11.99 -4.57 -28.07
N PRO B 117 -11.66 -5.55 -27.17
CA PRO B 117 -10.86 -6.72 -27.61
C PRO B 117 -11.52 -7.58 -28.67
N LYS B 118 -12.85 -7.49 -28.78
CA LYS B 118 -13.69 -8.30 -29.67
C LYS B 118 -14.15 -7.57 -30.94
N ASN B 119 -13.87 -6.25 -31.03
CA ASN B 119 -14.32 -5.39 -32.14
C ASN B 119 -13.25 -4.53 -32.82
N LYS B 120 -11.96 -4.92 -32.68
CA LYS B 120 -10.81 -4.26 -33.31
C LYS B 120 -11.05 -3.98 -34.80
N ASN B 121 -11.58 -4.97 -35.51
CA ASN B 121 -11.88 -4.87 -36.93
C ASN B 121 -12.88 -3.76 -37.27
N LYS B 122 -13.87 -3.54 -36.38
CA LYS B 122 -14.94 -2.55 -36.53
C LYS B 122 -14.52 -1.15 -36.08
N ILE B 123 -13.62 -1.05 -35.08
CA ILE B 123 -13.21 0.20 -34.42
C ILE B 123 -11.81 0.70 -34.81
N ASN B 124 -11.76 1.70 -35.70
CA ASN B 124 -10.51 2.32 -36.15
C ASN B 124 -10.26 3.60 -35.34
N LEU B 125 -9.10 4.23 -35.55
CA LEU B 125 -8.67 5.46 -34.88
C LEU B 125 -9.76 6.57 -34.84
N LYS B 126 -10.42 6.82 -35.98
CA LYS B 126 -11.51 7.78 -36.12
C LYS B 126 -12.61 7.52 -35.06
N GLN B 127 -13.07 6.24 -34.94
CA GLN B 127 -14.09 5.83 -33.96
C GLN B 127 -13.56 5.93 -32.50
N GLN B 128 -12.28 5.59 -32.28
CA GLN B 128 -11.64 5.74 -30.99
C GLN B 128 -11.60 7.26 -30.62
N LEU B 129 -11.30 8.16 -31.60
CA LEU B 129 -11.26 9.61 -31.33
C LEU B 129 -12.62 10.16 -30.99
N LYS B 130 -13.65 9.63 -31.67
CA LYS B 130 -15.06 9.99 -31.44
C LYS B 130 -15.52 9.56 -30.06
N TYR B 131 -15.07 8.38 -29.58
CA TYR B 131 -15.37 7.89 -28.21
C TYR B 131 -14.67 8.81 -27.18
N ALA B 132 -13.42 9.17 -27.48
CA ALA B 132 -12.64 10.05 -26.61
C ALA B 132 -13.34 11.41 -26.39
N VAL B 133 -13.95 12.01 -27.46
CA VAL B 133 -14.73 13.26 -27.42
C VAL B 133 -15.93 13.06 -26.48
N GLN B 134 -16.65 11.94 -26.66
CA GLN B 134 -17.84 11.52 -25.90
C GLN B 134 -17.55 11.29 -24.41
N ILE B 135 -16.44 10.63 -24.08
CA ILE B 135 -16.05 10.48 -22.66
C ILE B 135 -15.78 11.87 -22.08
N CYS B 136 -15.01 12.71 -22.82
CA CYS B 136 -14.72 14.08 -22.39
C CYS B 136 -16.01 14.89 -22.16
N LYS B 137 -16.94 14.86 -23.12
CA LYS B 137 -18.22 15.58 -22.98
C LYS B 137 -18.98 15.18 -21.72
N GLY B 138 -19.07 13.86 -21.45
CA GLY B 138 -19.75 13.35 -20.27
C GLY B 138 -19.06 13.80 -18.99
N MET B 139 -17.72 13.76 -19.00
CA MET B 139 -16.90 14.15 -17.86
C MET B 139 -17.00 15.66 -17.58
N ASP B 140 -17.01 16.46 -18.65
CA ASP B 140 -17.11 17.91 -18.55
C ASP B 140 -18.50 18.28 -17.98
N TYR B 141 -19.56 17.54 -18.39
CA TYR B 141 -20.91 17.72 -17.83
C TYR B 141 -20.89 17.38 -16.33
N LEU B 142 -20.13 16.32 -15.95
CA LEU B 142 -19.96 15.92 -14.55
C LEU B 142 -19.27 17.06 -13.75
N GLY B 143 -18.20 17.62 -14.32
CA GLY B 143 -17.46 18.73 -13.71
C GLY B 143 -18.29 19.98 -13.54
N SER B 144 -19.18 20.24 -14.52
CA SER B 144 -20.11 21.38 -14.55
C SER B 144 -21.16 21.28 -13.40
N ARG B 145 -21.38 20.07 -12.88
CA ARG B 145 -22.31 19.80 -11.80
C ARG B 145 -21.56 19.70 -10.49
N GLN B 146 -20.33 20.24 -10.47
CA GLN B 146 -19.38 20.25 -9.34
C GLN B 146 -19.09 18.83 -8.82
N TYR B 147 -18.91 17.86 -9.74
CA TYR B 147 -18.57 16.51 -9.35
C TYR B 147 -17.18 16.08 -9.83
N VAL B 148 -16.51 15.24 -9.02
CA VAL B 148 -15.25 14.57 -9.34
C VAL B 148 -15.61 13.08 -9.38
N HIS B 149 -15.23 12.42 -10.47
CA HIS B 149 -15.55 11.01 -10.68
C HIS B 149 -14.73 10.09 -9.81
N ARG B 150 -13.38 10.26 -9.84
CA ARG B 150 -12.39 9.47 -9.04
C ARG B 150 -12.20 7.99 -9.51
N ASP B 151 -12.90 7.55 -10.56
CA ASP B 151 -12.77 6.16 -10.98
C ASP B 151 -12.87 6.01 -12.51
N LEU B 152 -12.39 7.02 -13.25
CA LEU B 152 -12.50 7.00 -14.70
C LEU B 152 -11.48 6.03 -15.31
N ALA B 153 -11.99 4.85 -15.71
CA ALA B 153 -11.24 3.79 -16.34
C ALA B 153 -12.15 3.21 -17.42
N ALA B 154 -11.55 2.54 -18.45
CA ALA B 154 -12.28 1.91 -19.56
C ALA B 154 -13.33 0.90 -19.08
N ARG B 155 -13.09 0.27 -17.90
CA ARG B 155 -14.08 -0.66 -17.33
C ARG B 155 -15.39 0.09 -16.89
N ASN B 156 -15.32 1.42 -16.72
CA ASN B 156 -16.55 2.14 -16.32
C ASN B 156 -17.19 2.92 -17.49
N VAL B 157 -16.72 2.68 -18.73
CA VAL B 157 -17.20 3.33 -19.94
C VAL B 157 -17.94 2.28 -20.77
N LEU B 158 -19.26 2.42 -20.83
CA LEU B 158 -20.16 1.49 -21.50
C LEU B 158 -20.32 1.82 -22.94
N VAL B 159 -20.57 0.79 -23.75
CA VAL B 159 -20.77 0.94 -25.19
C VAL B 159 -22.26 0.87 -25.48
N GLU B 160 -22.84 2.00 -25.89
CA GLU B 160 -24.26 2.12 -26.28
C GLU B 160 -24.44 1.58 -27.72
N SER B 161 -23.52 1.93 -28.60
CA SER B 161 -23.45 1.47 -29.97
C SER B 161 -22.02 1.60 -30.47
N GLU B 162 -21.79 1.25 -31.73
CA GLU B 162 -20.51 1.35 -32.40
C GLU B 162 -20.09 2.82 -32.48
N HIS B 163 -21.09 3.73 -32.40
CA HIS B 163 -20.99 5.18 -32.51
C HIS B 163 -21.15 5.95 -31.20
N GLN B 164 -21.49 5.27 -30.08
CA GLN B 164 -21.70 5.96 -28.81
C GLN B 164 -21.25 5.18 -27.58
N VAL B 165 -20.65 5.89 -26.62
CA VAL B 165 -20.21 5.39 -25.31
C VAL B 165 -20.88 6.23 -24.22
N LYS B 166 -20.99 5.68 -23.00
CA LYS B 166 -21.52 6.42 -21.85
C LYS B 166 -20.72 6.07 -20.60
N ILE B 167 -20.55 7.01 -19.66
CA ILE B 167 -19.87 6.74 -18.38
C ILE B 167 -20.96 5.97 -17.61
N GLY B 168 -20.64 4.76 -17.15
CA GLY B 168 -21.63 3.86 -16.58
C GLY B 168 -21.50 3.43 -15.13
N ASP B 169 -20.76 4.19 -14.33
CA ASP B 169 -20.56 3.94 -12.90
C ASP B 169 -20.14 5.21 -12.25
N PHE B 170 -20.72 5.48 -11.07
CA PHE B 170 -20.54 6.68 -10.24
C PHE B 170 -20.26 6.29 -8.76
N GLY B 171 -19.78 5.07 -8.55
CA GLY B 171 -19.46 4.52 -7.25
C GLY B 171 -18.54 5.30 -6.32
N LEU B 172 -17.59 6.05 -6.87
CA LEU B 172 -16.60 6.84 -6.09
C LEU B 172 -16.82 8.33 -6.26
N THR B 173 -17.86 8.73 -7.01
CA THR B 173 -18.17 10.12 -7.30
C THR B 173 -18.46 10.94 -6.03
N LYS B 174 -17.79 12.08 -5.89
CA LYS B 174 -17.94 12.98 -4.75
C LYS B 174 -18.13 14.39 -5.26
N ALA B 175 -18.84 15.21 -4.49
CA ALA B 175 -19.09 16.59 -4.87
C ALA B 175 -17.95 17.49 -4.37
N ILE B 176 -17.51 18.42 -5.22
CA ILE B 176 -16.52 19.40 -4.83
C ILE B 176 -17.34 20.53 -4.18
N GLU B 177 -16.99 20.89 -2.92
CA GLU B 177 -17.62 21.96 -2.15
C GLU B 177 -17.51 23.29 -2.97
N THR B 178 -18.59 24.10 -2.99
CA THR B 178 -18.62 25.37 -3.74
C THR B 178 -17.46 26.31 -3.34
N ASP B 179 -16.92 27.07 -4.32
CA ASP B 179 -15.79 28.00 -4.17
C ASP B 179 -14.47 27.27 -3.85
N LYS B 180 -14.55 25.93 -3.64
CA LYS B 180 -13.43 25.03 -3.36
C LYS B 180 -12.99 24.35 -4.69
N GLU B 181 -11.76 23.81 -4.72
CA GLU B 181 -11.19 23.18 -5.91
C GLU B 181 -11.03 21.66 -5.80
N PTR B 182 -11.14 21.10 -4.61
CA PTR B 182 -10.98 19.67 -4.46
C PTR B 182 -11.72 19.05 -3.28
O PTR B 182 -12.24 19.75 -2.42
CB PTR B 182 -9.51 19.35 -4.34
CG PTR B 182 -8.77 19.79 -3.09
CD1 PTR B 182 -8.08 21.01 -3.10
CD2 PTR B 182 -8.69 18.96 -1.96
CE1 PTR B 182 -7.34 21.42 -1.99
CE2 PTR B 182 -7.97 19.37 -0.83
CZ PTR B 182 -7.29 20.61 -0.81
OH PTR B 182 -6.52 20.95 0.29
P PTR B 182 -6.80 22.15 1.21
O1P PTR B 182 -7.68 21.57 2.35
O2P PTR B 182 -5.44 22.50 1.80
O3P PTR B 182 -7.40 23.40 0.51
N PTR B 183 -11.74 17.71 -3.26
CA PTR B 183 -12.35 16.91 -2.20
C PTR B 183 -11.28 15.99 -1.63
O PTR B 183 -10.54 15.38 -2.41
CB PTR B 183 -13.51 16.07 -2.79
CG PTR B 183 -14.05 15.05 -1.81
CD1 PTR B 183 -13.53 13.75 -1.85
CD2 PTR B 183 -15.04 15.38 -0.90
CE1 PTR B 183 -13.97 12.78 -0.95
CE2 PTR B 183 -15.49 14.41 0.01
CZ PTR B 183 -14.97 13.07 0.00
OH PTR B 183 -15.32 11.99 0.86
P PTR B 183 -16.43 12.16 1.95
O1P PTR B 183 -16.60 10.84 2.73
O2P PTR B 183 -16.13 13.27 2.94
O3P PTR B 183 -17.74 12.52 1.25
N THR B 184 -11.22 15.87 -0.30
CA THR B 184 -10.24 14.99 0.35
C THR B 184 -10.91 13.70 0.80
N VAL B 185 -10.38 12.55 0.33
CA VAL B 185 -10.91 11.24 0.68
C VAL B 185 -10.22 10.56 1.88
N LYS B 186 -10.99 9.75 2.63
CA LYS B 186 -10.55 9.01 3.81
C LYS B 186 -10.39 7.53 3.44
N ASP B 187 -11.43 6.91 2.82
CA ASP B 187 -11.39 5.52 2.37
C ASP B 187 -10.59 5.51 1.07
N ASP B 188 -9.41 4.84 1.08
CA ASP B 188 -8.48 4.77 -0.06
C ASP B 188 -7.83 3.39 -0.28
N ARG B 189 -8.11 2.42 0.62
CA ARG B 189 -7.59 1.05 0.60
C ARG B 189 -7.77 0.37 -0.77
N ASP B 190 -8.91 0.61 -1.44
CA ASP B 190 -9.27 0.03 -2.74
C ASP B 190 -9.07 0.95 -3.96
N SER B 191 -8.22 1.97 -3.84
CA SER B 191 -7.90 2.95 -4.91
C SER B 191 -7.32 2.39 -6.22
N PRO B 192 -7.86 2.82 -7.40
CA PRO B 192 -7.26 2.39 -8.69
C PRO B 192 -5.98 3.20 -8.95
N VAL B 193 -4.92 2.93 -8.16
CA VAL B 193 -3.64 3.65 -8.19
C VAL B 193 -3.01 3.87 -9.56
N PHE B 194 -3.13 2.90 -10.47
CA PHE B 194 -2.51 3.08 -11.80
C PHE B 194 -3.24 4.07 -12.74
N TRP B 195 -4.39 4.62 -12.27
CA TRP B 195 -5.20 5.62 -12.95
C TRP B 195 -5.15 6.96 -12.18
N TYR B 196 -4.46 6.98 -11.02
CA TYR B 196 -4.39 8.15 -10.14
C TYR B 196 -3.27 9.15 -10.36
N ALA B 197 -3.65 10.43 -10.36
CA ALA B 197 -2.77 11.59 -10.47
C ALA B 197 -1.87 11.70 -9.18
N PRO B 198 -0.70 12.37 -9.24
CA PRO B 198 0.17 12.44 -8.04
C PRO B 198 -0.48 12.94 -6.75
N GLU B 199 -1.21 14.08 -6.81
CA GLU B 199 -1.97 14.67 -5.69
C GLU B 199 -2.95 13.68 -5.01
N CYS B 200 -3.54 12.73 -5.80
CA CYS B 200 -4.45 11.69 -5.31
C CYS B 200 -3.63 10.67 -4.53
N LEU B 201 -2.46 10.30 -5.10
CA LEU B 201 -1.58 9.30 -4.52
C LEU B 201 -0.86 9.80 -3.27
N MET B 202 -0.50 11.09 -3.26
CA MET B 202 0.26 11.74 -2.19
C MET B 202 -0.59 12.37 -1.08
N GLN B 203 -1.36 13.42 -1.44
CA GLN B 203 -2.19 14.21 -0.53
C GLN B 203 -3.65 13.77 -0.43
N SER B 204 -4.04 12.70 -1.17
CA SER B 204 -5.42 12.15 -1.22
C SER B 204 -6.49 13.21 -1.60
N LYS B 205 -6.05 14.26 -2.34
CA LYS B 205 -6.85 15.39 -2.83
C LYS B 205 -7.36 15.08 -4.25
N PHE B 206 -8.61 15.44 -4.56
CA PHE B 206 -9.25 15.20 -5.87
C PHE B 206 -9.80 16.45 -6.53
N TYR B 207 -9.20 16.82 -7.67
CA TYR B 207 -9.54 18.00 -8.47
C TYR B 207 -10.23 17.53 -9.76
N ILE B 208 -10.84 18.45 -10.53
CA ILE B 208 -11.39 18.08 -11.84
C ILE B 208 -10.19 17.64 -12.72
N ALA B 209 -9.02 18.32 -12.54
CA ALA B 209 -7.76 18.01 -13.22
C ALA B 209 -7.26 16.61 -12.90
N SER B 210 -7.68 16.04 -11.75
CA SER B 210 -7.34 14.66 -11.38
C SER B 210 -8.11 13.66 -12.28
N ASP B 211 -9.30 14.05 -12.72
CA ASP B 211 -10.15 13.25 -13.62
C ASP B 211 -9.58 13.30 -15.04
N VAL B 212 -8.96 14.43 -15.41
CA VAL B 212 -8.30 14.63 -16.71
C VAL B 212 -7.12 13.65 -16.77
N TRP B 213 -6.35 13.50 -15.65
CA TRP B 213 -5.26 12.54 -15.53
C TRP B 213 -5.75 11.10 -15.76
N SER B 214 -6.84 10.69 -15.07
CA SER B 214 -7.46 9.37 -15.26
C SER B 214 -8.00 9.23 -16.69
N PHE B 215 -8.44 10.34 -17.32
CA PHE B 215 -8.92 10.29 -18.70
C PHE B 215 -7.77 9.90 -19.63
N GLY B 216 -6.63 10.57 -19.48
CA GLY B 216 -5.43 10.26 -20.26
C GLY B 216 -5.09 8.79 -20.18
N VAL B 217 -5.26 8.20 -18.99
CA VAL B 217 -5.03 6.78 -18.73
C VAL B 217 -6.12 5.92 -19.42
N THR B 218 -7.39 6.34 -19.36
CA THR B 218 -8.52 5.68 -20.06
C THR B 218 -8.30 5.74 -21.60
N LEU B 219 -7.77 6.88 -22.12
CA LEU B 219 -7.49 7.09 -23.55
C LEU B 219 -6.40 6.10 -23.97
N HIS B 220 -5.41 5.86 -23.07
CA HIS B 220 -4.38 4.88 -23.34
C HIS B 220 -5.04 3.50 -23.52
N GLU B 221 -5.96 3.12 -22.62
CA GLU B 221 -6.68 1.84 -22.67
C GLU B 221 -7.50 1.69 -23.96
N LEU B 222 -8.23 2.76 -24.34
CA LEU B 222 -9.06 2.80 -25.53
C LEU B 222 -8.19 2.52 -26.75
N LEU B 223 -7.00 3.18 -26.84
CA LEU B 223 -6.05 3.05 -27.95
C LEU B 223 -5.36 1.68 -28.00
N THR B 224 -5.16 1.02 -26.87
CA THR B 224 -4.59 -0.33 -26.87
C THR B 224 -5.70 -1.37 -26.89
N TYR B 225 -6.96 -0.98 -27.23
CA TYR B 225 -8.17 -1.84 -27.27
C TYR B 225 -8.37 -2.67 -25.99
N CYS B 226 -8.02 -2.11 -24.80
CA CYS B 226 -8.15 -2.79 -23.51
C CYS B 226 -7.46 -4.17 -23.45
N ASP B 227 -6.28 -4.28 -24.08
CA ASP B 227 -5.46 -5.49 -24.06
C ASP B 227 -4.85 -5.60 -22.67
N SER B 228 -5.08 -6.73 -21.98
CA SER B 228 -4.60 -7.03 -20.61
C SER B 228 -3.10 -6.81 -20.52
N ASP B 229 -2.34 -7.32 -21.49
CA ASP B 229 -0.88 -7.21 -21.49
C ASP B 229 -0.40 -5.76 -21.67
N SER B 230 -1.25 -4.88 -22.24
CA SER B 230 -0.92 -3.46 -22.44
C SER B 230 -1.65 -2.54 -21.41
N SER B 231 -2.32 -3.15 -20.41
CA SER B 231 -3.07 -2.40 -19.40
C SER B 231 -2.17 -1.50 -18.54
N PRO B 232 -2.69 -0.33 -18.08
CA PRO B 232 -1.91 0.58 -17.24
C PRO B 232 -1.25 -0.07 -16.04
N MET B 233 -1.91 -1.04 -15.40
CA MET B 233 -1.35 -1.76 -14.26
C MET B 233 -0.16 -2.63 -14.71
N ALA B 234 -0.33 -3.40 -15.80
CA ALA B 234 0.72 -4.27 -16.38
C ALA B 234 1.94 -3.44 -16.81
N LEU B 235 1.72 -2.28 -17.48
CA LEU B 235 2.79 -1.39 -17.93
C LEU B 235 3.54 -0.68 -16.82
N PHE B 236 2.82 -0.19 -15.79
CA PHE B 236 3.45 0.49 -14.68
C PHE B 236 4.27 -0.47 -13.81
N LEU B 237 3.79 -1.73 -13.64
CA LEU B 237 4.48 -2.75 -12.87
C LEU B 237 5.81 -3.16 -13.51
N LYS B 238 5.91 -3.08 -14.86
CA LYS B 238 7.11 -3.35 -15.65
C LYS B 238 8.10 -2.21 -15.40
N MET B 239 7.61 -0.95 -15.38
CA MET B 239 8.40 0.27 -15.18
C MET B 239 8.98 0.40 -13.76
N ILE B 240 8.20 0.00 -12.74
CA ILE B 240 8.46 0.13 -11.30
C ILE B 240 9.12 -1.10 -10.62
N GLY B 241 8.52 -2.27 -10.86
CA GLY B 241 8.86 -3.56 -10.29
C GLY B 241 7.58 -4.25 -9.87
N PRO B 242 7.35 -5.52 -10.27
CA PRO B 242 6.07 -6.15 -9.92
C PRO B 242 5.97 -6.76 -8.52
N THR B 243 7.11 -6.86 -7.81
CA THR B 243 7.21 -7.54 -6.51
C THR B 243 7.60 -6.61 -5.33
N HIS B 244 6.93 -5.44 -5.22
CA HIS B 244 7.22 -4.47 -4.15
C HIS B 244 6.20 -4.45 -3.00
N GLY B 245 5.06 -5.12 -3.18
CA GLY B 245 3.98 -5.21 -2.19
C GLY B 245 3.43 -3.87 -1.76
N GLN B 246 3.49 -3.59 -0.44
CA GLN B 246 3.03 -2.35 0.18
C GLN B 246 3.87 -1.13 -0.24
N MET B 247 4.99 -1.39 -0.94
CA MET B 247 5.89 -0.35 -1.44
C MET B 247 5.57 0.11 -2.88
N THR B 248 4.59 -0.54 -3.56
CA THR B 248 4.18 -0.20 -4.93
C THR B 248 3.85 1.29 -5.14
N VAL B 249 2.89 1.86 -4.35
CA VAL B 249 2.49 3.27 -4.45
C VAL B 249 3.64 4.27 -4.35
N THR B 250 4.51 4.13 -3.35
CA THR B 250 5.65 5.06 -3.21
C THR B 250 6.63 4.96 -4.40
N ARG B 251 6.82 3.74 -4.94
CA ARG B 251 7.64 3.47 -6.12
C ARG B 251 6.94 4.12 -7.34
N LEU B 252 5.59 4.01 -7.39
CA LEU B 252 4.76 4.64 -8.42
C LEU B 252 4.91 6.18 -8.39
N VAL B 253 4.87 6.79 -7.18
CA VAL B 253 4.99 8.24 -6.95
C VAL B 253 6.33 8.78 -7.47
N ASN B 254 7.43 8.12 -7.09
CA ASN B 254 8.81 8.45 -7.49
C ASN B 254 9.01 8.38 -9.00
N THR B 255 8.46 7.33 -9.65
CA THR B 255 8.53 7.15 -11.11
C THR B 255 7.87 8.36 -11.81
N LEU B 256 6.69 8.77 -11.31
CA LEU B 256 5.93 9.90 -11.83
C LEU B 256 6.65 11.22 -11.58
N LYS B 257 7.35 11.32 -10.43
CA LYS B 257 8.17 12.48 -10.08
C LYS B 257 9.34 12.59 -11.08
N GLU B 258 9.99 11.44 -11.42
CA GLU B 258 11.10 11.32 -12.37
C GLU B 258 10.68 11.60 -13.83
N GLY B 259 9.47 12.09 -14.04
CA GLY B 259 8.92 12.44 -15.35
C GLY B 259 8.52 11.29 -16.23
N LYS B 260 8.54 10.06 -15.71
CA LYS B 260 8.18 8.85 -16.44
C LYS B 260 6.65 8.72 -16.60
N ARG B 261 6.22 8.35 -17.81
CA ARG B 261 4.81 8.17 -18.18
C ARG B 261 4.62 6.94 -19.00
N LEU B 262 3.36 6.46 -19.10
CA LEU B 262 2.98 5.32 -19.94
C LEU B 262 3.41 5.59 -21.38
N PRO B 263 3.93 4.58 -22.11
CA PRO B 263 4.39 4.82 -23.49
C PRO B 263 3.26 5.05 -24.50
N CYS B 264 3.64 5.57 -25.68
CA CYS B 264 2.72 5.80 -26.80
C CYS B 264 2.13 4.46 -27.21
N PRO B 265 0.79 4.31 -27.30
CA PRO B 265 0.22 3.01 -27.72
C PRO B 265 0.71 2.66 -29.13
N PRO B 266 0.87 1.36 -29.46
CA PRO B 266 1.28 1.02 -30.82
C PRO B 266 0.27 1.55 -31.83
N ASN B 267 0.77 2.08 -32.97
CA ASN B 267 -0.04 2.63 -34.07
C ASN B 267 -0.81 3.90 -33.70
N CYS B 268 -0.41 4.56 -32.61
CA CYS B 268 -1.07 5.79 -32.17
C CYS B 268 -0.25 6.99 -32.63
N PRO B 269 -0.83 7.83 -33.51
CA PRO B 269 -0.12 9.01 -34.00
C PRO B 269 0.38 9.89 -32.88
N ASP B 270 1.58 10.46 -33.06
CA ASP B 270 2.21 11.32 -32.07
C ASP B 270 1.31 12.47 -31.64
N GLU B 271 0.57 13.08 -32.59
CA GLU B 271 -0.39 14.16 -32.34
C GLU B 271 -1.51 13.75 -31.35
N VAL B 272 -1.89 12.45 -31.34
CA VAL B 272 -2.89 11.91 -30.41
C VAL B 272 -2.16 11.70 -29.06
N TYR B 273 -0.88 11.28 -29.12
CA TYR B 273 -0.06 11.04 -27.94
C TYR B 273 0.27 12.31 -27.18
N GLN B 274 0.40 13.44 -27.87
CA GLN B 274 0.63 14.74 -27.21
C GLN B 274 -0.60 15.20 -26.40
N LEU B 275 -1.83 14.94 -26.90
CA LEU B 275 -3.08 15.27 -26.16
C LEU B 275 -3.14 14.43 -24.88
N MET B 276 -2.77 13.15 -24.98
CA MET B 276 -2.66 12.22 -23.86
C MET B 276 -1.66 12.76 -22.82
N ARG B 277 -0.44 13.13 -23.27
CA ARG B 277 0.62 13.68 -22.40
C ARG B 277 0.18 14.93 -21.64
N LYS B 278 -0.67 15.78 -22.26
CA LYS B 278 -1.18 17.00 -21.63
C LYS B 278 -2.13 16.76 -20.45
N CYS B 279 -2.63 15.50 -20.30
CA CYS B 279 -3.49 15.02 -19.19
C CYS B 279 -2.57 14.66 -18.04
N TRP B 280 -1.28 14.43 -18.35
CA TRP B 280 -0.29 13.92 -17.40
C TRP B 280 0.79 14.88 -16.92
N GLU B 281 0.47 16.16 -16.90
CA GLU B 281 1.35 17.17 -16.31
C GLU B 281 1.31 16.88 -14.80
N PHE B 282 2.49 16.84 -14.15
CA PHE B 282 2.60 16.54 -12.71
C PHE B 282 1.67 17.42 -11.86
N GLN B 283 1.64 18.72 -12.18
CA GLN B 283 0.86 19.76 -11.53
C GLN B 283 -0.56 19.83 -12.13
N PRO B 284 -1.63 19.82 -11.29
CA PRO B 284 -3.01 19.88 -11.83
C PRO B 284 -3.33 21.11 -12.68
N SER B 285 -2.79 22.28 -12.27
CA SER B 285 -2.96 23.58 -12.95
C SER B 285 -2.40 23.58 -14.37
N ASN B 286 -1.35 22.77 -14.60
CA ASN B 286 -0.73 22.67 -15.93
C ASN B 286 -1.41 21.72 -16.90
N ARG B 287 -2.23 20.78 -16.38
CA ARG B 287 -2.98 19.81 -17.19
C ARG B 287 -4.00 20.49 -18.10
N THR B 288 -4.31 19.84 -19.22
CA THR B 288 -5.34 20.29 -20.16
C THR B 288 -6.74 20.19 -19.53
N SER B 289 -7.73 20.89 -20.10
CA SER B 289 -9.13 20.85 -19.64
C SER B 289 -9.85 19.79 -20.49
N PHE B 290 -11.09 19.45 -20.15
CA PHE B 290 -11.88 18.51 -20.97
C PHE B 290 -12.28 19.16 -22.30
N GLN B 291 -12.66 20.46 -22.25
CA GLN B 291 -13.03 21.23 -23.45
C GLN B 291 -11.87 21.41 -24.44
N ASN B 292 -10.64 21.57 -23.92
CA ASN B 292 -9.45 21.69 -24.73
C ASN B 292 -9.10 20.31 -25.36
N LEU B 293 -9.43 19.20 -24.65
CA LEU B 293 -9.27 17.85 -25.19
C LEU B 293 -10.26 17.65 -26.35
N ILE B 294 -11.54 18.04 -26.14
CA ILE B 294 -12.60 17.97 -27.16
C ILE B 294 -12.11 18.73 -28.39
N GLU B 295 -11.69 20.02 -28.18
CA GLU B 295 -11.11 20.91 -29.19
C GLU B 295 -10.07 20.17 -30.05
N GLY B 296 -9.06 19.63 -29.38
CA GLY B 296 -7.97 18.87 -29.98
C GLY B 296 -8.38 17.64 -30.75
N PHE B 297 -9.28 16.78 -30.19
CA PHE B 297 -9.69 15.57 -30.96
C PHE B 297 -10.51 15.93 -32.19
N GLU B 298 -11.35 16.97 -32.10
CA GLU B 298 -12.19 17.49 -33.19
C GLU B 298 -11.33 17.97 -34.36
N ALA B 299 -10.23 18.69 -34.04
CA ALA B 299 -9.24 19.18 -35.01
C ALA B 299 -8.61 17.97 -35.75
N LEU B 300 -8.36 16.87 -35.02
CA LEU B 300 -7.80 15.65 -35.60
C LEU B 300 -8.80 14.84 -36.40
N LEU B 301 -10.11 15.02 -36.12
CA LEU B 301 -11.20 14.32 -36.81
C LEU B 301 -11.58 14.92 -38.20
N LYS B 302 -11.28 16.22 -38.43
CA LYS B 302 -11.58 16.90 -39.70
C LYS B 302 -10.43 16.82 -40.71
C1 C5I C . 19.70 -15.70 17.89
C2 C5I C . 20.98 -16.04 18.17
N3 C5I C . 21.09 -16.50 19.46
C5 C5I C . 19.85 -16.46 20.06
C6 C5I C . 18.93 -15.96 19.10
C7 C5I C . 17.56 -15.79 19.47
C8 C5I C . 17.18 -16.11 20.79
C9 C5I C . 18.15 -16.61 21.68
N10 C5I C . 19.42 -16.76 21.29
N11 C5I C . 15.85 -15.82 20.89
N12 C5I C . 15.40 -15.30 19.80
N13 C5I C . 16.44 -15.31 18.86
C14 C5I C . 16.40 -14.72 17.52
C16 C5I C . 16.98 -13.28 17.64
C17 C5I C . 16.99 -12.58 16.28
C18 C5I C . 15.54 -12.54 15.74
N19 C5I C . 15.06 -13.95 15.67
C20 C5I C . 14.97 -14.68 16.95
C21 C5I C . 14.83 -14.58 14.49
O22 C5I C . 14.48 -15.76 14.46
C23 C5I C . 14.98 -13.82 13.19
C24 C5I C . 14.97 -14.71 12.01
N25 C5I C . 14.95 -15.40 11.11
C1 EDO D . -22.78 -6.90 -20.86
O1 EDO D . -22.81 -7.84 -21.90
C2 EDO D . -21.46 -7.04 -20.07
O2 EDO D . -21.31 -8.39 -19.63
C1 EDO E . -41.33 -0.11 -13.09
O1 EDO E . -41.19 0.46 -14.36
C2 EDO E . -42.82 -0.22 -12.78
O2 EDO E . -43.30 1.02 -12.24
C1 EDO F . -31.75 -8.00 -8.31
O1 EDO F . -30.55 -8.07 -7.54
C2 EDO F . -32.18 -9.42 -8.74
O2 EDO F . -32.33 -10.24 -7.59
C1 EDO G . -0.84 -3.65 -0.19
O1 EDO G . 0.01 -3.83 0.93
C2 EDO G . -0.14 -4.05 -1.50
O2 EDO G . -0.12 -5.46 -1.62
C1 C5I H . -24.24 -0.54 -15.82
C2 C5I H . -25.41 0.04 -16.13
N3 C5I H . -25.93 -0.49 -17.30
C5 C5I H . -25.08 -1.47 -17.76
C6 C5I H . -23.99 -1.55 -16.85
C7 C5I H . -22.96 -2.49 -17.09
C8 C5I H . -23.09 -3.33 -18.22
C9 C5I H . -24.20 -3.20 -19.06
N10 C5I H . -25.13 -2.29 -18.85
N11 C5I H . -22.01 -4.14 -18.22
N12 C5I H . -21.23 -3.89 -17.21
N13 C5I H . -21.79 -2.85 -16.45
C14 C5I H . -21.18 -2.21 -15.29
C16 C5I H . -20.48 -0.93 -15.80
C17 C5I H . -19.79 -0.18 -14.64
C18 C5I H . -18.77 -1.10 -13.94
N19 C5I H . -19.48 -2.34 -13.57
C20 C5I H . -20.09 -3.11 -14.67
C21 C5I H . -19.70 -2.73 -12.27
O22 C5I H . -20.35 -3.74 -12.09
C23 C5I H . -19.18 -1.94 -11.10
C24 C5I H . -19.85 -2.32 -9.84
N25 C5I H . -20.35 -2.62 -8.86
#